data_5RZG
#
_entry.id   5RZG
#
_cell.length_a   38.520
_cell.length_b   77.530
_cell.length_c   99.750
_cell.angle_alpha   90.000
_cell.angle_beta   90.000
_cell.angle_gamma   90.000
#
_symmetry.space_group_name_H-M   'P 21 21 21'
#
loop_
_entity.id
_entity.type
_entity.pdbx_description
1 polymer 'Isoform 2 of Band 4.1-like protein 3'
2 non-polymer N-[(1R)-1-(2-chlorophenyl)ethyl]methanesulfonamide
3 non-polymer 'DIMETHYL SULFOXIDE'
4 non-polymer 1,2-ETHANEDIOL
5 water water
#
_entity_poly.entity_id   1
_entity_poly.type   'polypeptide(L)'
_entity_poly.pdbx_seq_one_letter_code
;SMPKSMQCKVILLDGSEYTCDVEKRSRGQVLFDKVCEHLNLLEKDYFGLTYRDAENQKNWLDPAKEIKKQVRSGAWHFSF
NVKFYPPDPAQLSEDITRYYLCLQLRDDIVSGRLPCSFVTLALLGSYTVQSELGDYDPDECGSDYISEFRFAPNHTKELE
DKVIELHKSHRGMTPAEAEMHFLENAKKLSMYGVDLHHAKDSEGVEIMLGVCASGLLIYRDRLRINRFAWPKVLKISYKR
NNFYIKIRPGEFEQFESTIGFKLPNHRAAKRLWKVCVEHHTFFRLL
;
_entity_poly.pdbx_strand_id   A
#
# COMPACT_ATOMS: atom_id res chain seq x y z
N PRO A 3 9.31 33.50 -12.20
CA PRO A 3 9.14 32.03 -12.12
C PRO A 3 7.71 31.65 -11.70
N LYS A 4 7.03 30.85 -12.51
CA LYS A 4 5.59 30.55 -12.31
C LYS A 4 5.44 29.26 -11.50
N SER A 5 4.65 29.31 -10.43
N SER A 5 4.68 29.36 -10.40
CA SER A 5 4.47 28.19 -9.48
CA SER A 5 4.38 28.25 -9.46
C SER A 5 3.03 27.65 -9.51
C SER A 5 3.08 27.56 -9.88
N MET A 6 2.88 26.33 -9.42
CA MET A 6 1.55 25.65 -9.46
C MET A 6 1.23 25.21 -8.05
N GLN A 7 -0.02 25.39 -7.66
CA GLN A 7 -0.50 24.96 -6.35
C GLN A 7 -0.73 23.45 -6.36
N CYS A 8 -0.24 22.75 -5.35
CA CYS A 8 -0.43 21.30 -5.22
C CYS A 8 -1.23 21.03 -3.97
N LYS A 9 -2.20 20.12 -4.05
CA LYS A 9 -2.99 19.63 -2.90
C LYS A 9 -2.67 18.15 -2.68
N VAL A 10 -2.27 17.79 -1.45
CA VAL A 10 -1.88 16.41 -1.11
C VAL A 10 -2.76 15.93 0.02
N ILE A 11 -3.50 14.87 -0.21
CA ILE A 11 -4.24 14.18 0.88
C ILE A 11 -3.21 13.37 1.66
N LEU A 12 -3.10 13.66 2.94
CA LEU A 12 -2.22 12.93 3.87
C LEU A 12 -2.97 11.74 4.47
N LEU A 13 -2.21 10.86 5.11
CA LEU A 13 -2.74 9.55 5.53
C LEU A 13 -3.70 9.69 6.70
N ASP A 14 -3.70 10.82 7.42
CA ASP A 14 -4.72 11.14 8.46
C ASP A 14 -5.98 11.72 7.83
N GLY A 15 -5.99 11.90 6.51
CA GLY A 15 -7.15 12.42 5.76
C GLY A 15 -7.16 13.93 5.66
N SER A 16 -6.16 14.60 6.22
CA SER A 16 -5.98 16.07 6.10
C SER A 16 -5.32 16.39 4.75
N GLU A 17 -5.41 17.67 4.38
CA GLU A 17 -4.92 18.26 3.09
C GLU A 17 -3.70 19.16 3.35
N TYR A 18 -2.62 18.91 2.64
CA TYR A 18 -1.44 19.79 2.64
C TYR A 18 -1.40 20.51 1.29
N THR A 19 -1.19 21.83 1.31
CA THR A 19 -1.15 22.67 0.10
C THR A 19 0.24 23.28 0.05
N CYS A 20 0.88 23.26 -1.11
CA CYS A 20 2.15 23.98 -1.34
C CYS A 20 2.25 24.36 -2.81
N ASP A 21 3.28 25.10 -3.16
CA ASP A 21 3.51 25.55 -4.54
C ASP A 21 4.82 24.93 -4.98
N VAL A 22 4.94 24.55 -6.24
CA VAL A 22 6.24 24.22 -6.87
C VAL A 22 6.31 24.95 -8.20
N GLU A 23 7.53 25.22 -8.69
CA GLU A 23 7.69 25.79 -10.04
C GLU A 23 6.96 24.84 -11.01
N LYS A 24 6.29 25.39 -12.03
CA LYS A 24 5.40 24.59 -12.93
C LYS A 24 6.19 23.48 -13.66
N ARG A 25 7.51 23.61 -13.92
CA ARG A 25 8.33 22.54 -14.59
C ARG A 25 8.99 21.59 -13.57
N SER A 26 8.61 21.68 -12.31
CA SER A 26 9.18 20.84 -11.22
C SER A 26 9.01 19.34 -11.52
N ARG A 27 9.99 18.54 -11.12
CA ARG A 27 9.92 17.05 -11.11
C ARG A 27 9.20 16.57 -9.86
N GLY A 28 8.70 15.33 -9.87
CA GLY A 28 7.89 14.85 -8.74
C GLY A 28 8.67 14.94 -7.40
N GLN A 29 10.00 14.74 -7.45
CA GLN A 29 10.83 14.67 -6.23
C GLN A 29 10.67 15.98 -5.44
N VAL A 30 10.53 17.10 -6.15
CA VAL A 30 10.45 18.45 -5.52
C VAL A 30 9.24 18.47 -4.59
N LEU A 31 8.06 18.14 -5.12
CA LEU A 31 6.83 18.07 -4.31
C LEU A 31 6.97 17.06 -3.17
N PHE A 32 7.48 15.87 -3.49
CA PHE A 32 7.60 14.79 -2.50
C PHE A 32 8.49 15.26 -1.34
N ASP A 33 9.57 15.96 -1.65
CA ASP A 33 10.52 16.42 -0.59
C ASP A 33 9.75 17.37 0.34
N LYS A 34 8.93 18.28 -0.23
CA LYS A 34 8.14 19.24 0.58
C LYS A 34 7.19 18.47 1.47
N VAL A 35 6.51 17.48 0.90
CA VAL A 35 5.51 16.75 1.71
C VAL A 35 6.25 16.04 2.86
N CYS A 36 7.36 15.37 2.57
CA CYS A 36 8.08 14.57 3.59
C CYS A 36 8.62 15.49 4.69
N GLU A 37 9.16 16.64 4.33
CA GLU A 37 9.60 17.64 5.33
C GLU A 37 8.42 18.03 6.23
N HIS A 38 7.27 18.41 5.66
CA HIS A 38 6.02 18.65 6.41
C HIS A 38 5.71 17.50 7.40
N LEU A 39 5.93 16.25 7.00
CA LEU A 39 5.55 15.09 7.84
C LEU A 39 6.68 14.75 8.82
N ASN A 40 7.82 15.46 8.81
CA ASN A 40 9.06 15.13 9.56
C ASN A 40 9.50 13.69 9.26
N LEU A 41 9.41 13.29 8.00
CA LEU A 41 9.72 11.91 7.56
C LEU A 41 11.11 11.87 6.90
N LEU A 42 11.99 11.08 7.50
CA LEU A 42 13.37 10.85 6.99
C LEU A 42 13.45 9.58 6.17
N GLU A 43 12.75 8.53 6.57
CA GLU A 43 12.83 7.23 5.87
C GLU A 43 11.87 7.26 4.68
N LYS A 44 12.18 8.12 3.72
CA LYS A 44 11.27 8.54 2.62
C LYS A 44 11.11 7.46 1.53
N ASP A 45 12.05 6.52 1.43
CA ASP A 45 12.14 5.63 0.24
C ASP A 45 10.95 4.67 0.21
N TYR A 46 10.27 4.46 1.32
CA TYR A 46 9.14 3.51 1.37
C TYR A 46 7.84 4.16 0.82
N PHE A 47 7.84 5.48 0.62
CA PHE A 47 6.61 6.26 0.34
C PHE A 47 6.65 6.86 -1.07
N GLY A 48 5.53 7.41 -1.49
CA GLY A 48 5.40 8.03 -2.80
C GLY A 48 4.15 8.88 -2.79
N LEU A 49 3.93 9.56 -3.92
CA LEU A 49 2.67 10.28 -4.17
C LEU A 49 1.95 9.59 -5.32
N THR A 50 0.63 9.51 -5.17
CA THR A 50 -0.22 9.01 -6.25
C THR A 50 -1.07 10.16 -6.79
N TYR A 51 -1.65 9.97 -7.97
CA TYR A 51 -2.71 10.88 -8.44
C TYR A 51 -3.76 10.00 -9.12
N ARG A 52 -4.95 10.57 -9.38
CA ARG A 52 -6.07 9.90 -10.08
C ARG A 52 -6.11 10.42 -11.51
N ASP A 53 -6.12 9.53 -12.50
CA ASP A 53 -6.04 9.90 -13.94
C ASP A 53 -7.43 10.13 -14.52
N ALA A 54 -7.43 10.38 -15.83
CA ALA A 54 -8.55 10.76 -16.70
C ALA A 54 -9.42 9.52 -16.99
N GLU A 55 -9.12 8.40 -16.32
CA GLU A 55 -10.03 7.23 -16.21
C GLU A 55 -10.19 6.90 -14.71
N ASN A 56 -9.54 7.71 -13.86
CA ASN A 56 -9.71 7.76 -12.38
C ASN A 56 -9.04 6.55 -11.70
N GLN A 57 -7.95 6.04 -12.28
CA GLN A 57 -7.12 4.97 -11.68
C GLN A 57 -5.93 5.61 -10.95
N LYS A 58 -5.31 4.87 -10.02
CA LYS A 58 -4.14 5.35 -9.25
C LYS A 58 -2.88 5.18 -10.11
N ASN A 59 -2.09 6.23 -10.22
CA ASN A 59 -0.74 6.22 -10.83
C ASN A 59 0.26 6.71 -9.79
N TRP A 60 1.46 6.11 -9.74
CA TRP A 60 2.55 6.67 -8.92
C TRP A 60 3.11 7.89 -9.63
N LEU A 61 3.27 9.01 -8.96
CA LEU A 61 4.00 10.18 -9.48
C LEU A 61 5.49 9.79 -9.54
N ASP A 62 6.04 9.73 -10.75
CA ASP A 62 7.48 9.42 -10.89
C ASP A 62 8.28 10.63 -10.45
N PRO A 63 9.12 10.49 -9.41
CA PRO A 63 9.86 11.62 -8.85
C PRO A 63 10.88 12.19 -9.83
N ALA A 64 11.28 11.40 -10.83
CA ALA A 64 12.32 11.82 -11.80
C ALA A 64 11.74 12.63 -12.96
N LYS A 65 10.43 12.59 -13.18
CA LYS A 65 9.80 13.22 -14.37
C LYS A 65 9.04 14.48 -13.96
N GLU A 66 8.86 15.42 -14.88
CA GLU A 66 8.06 16.63 -14.58
C GLU A 66 6.65 16.19 -14.13
N ILE A 67 6.14 16.85 -13.12
CA ILE A 67 4.76 16.66 -12.64
C ILE A 67 3.78 16.96 -13.79
N LYS A 68 4.00 18.04 -14.53
CA LYS A 68 3.05 18.46 -15.60
C LYS A 68 2.95 17.38 -16.68
N LYS A 69 4.00 16.65 -17.01
CA LYS A 69 3.93 15.60 -18.07
C LYS A 69 3.30 14.32 -17.54
N GLN A 70 2.98 14.25 -16.26
CA GLN A 70 2.31 13.05 -15.71
C GLN A 70 0.84 13.37 -15.46
N VAL A 71 0.53 14.46 -14.76
CA VAL A 71 -0.87 14.84 -14.47
C VAL A 71 -1.51 15.35 -15.78
N ARG A 72 -0.69 15.92 -16.68
CA ARG A 72 -1.11 16.31 -18.06
C ARG A 72 -2.33 17.22 -17.97
N SER A 73 -3.56 16.70 -18.16
CA SER A 73 -4.75 17.56 -18.27
C SER A 73 -5.41 17.71 -16.91
N GLY A 74 -5.06 16.86 -15.93
CA GLY A 74 -5.74 16.71 -14.63
C GLY A 74 -5.33 17.78 -13.62
N ALA A 75 -6.07 17.86 -12.51
CA ALA A 75 -5.76 18.75 -11.38
C ALA A 75 -4.45 18.26 -10.71
N TRP A 76 -3.72 19.20 -10.11
CA TRP A 76 -2.49 18.89 -9.34
C TRP A 76 -2.89 18.49 -7.91
N HIS A 77 -3.57 17.36 -7.84
CA HIS A 77 -4.14 16.78 -6.62
C HIS A 77 -3.50 15.40 -6.47
N PHE A 78 -3.00 15.11 -5.28
CA PHE A 78 -2.18 13.91 -5.04
C PHE A 78 -2.57 13.32 -3.71
N SER A 79 -2.21 12.07 -3.49
CA SER A 79 -2.26 11.41 -2.16
C SER A 79 -0.88 10.94 -1.77
N PHE A 80 -0.57 11.00 -0.48
CA PHE A 80 0.67 10.48 0.11
C PHE A 80 0.44 9.06 0.57
N ASN A 81 1.23 8.11 0.08
CA ASN A 81 0.97 6.67 0.29
C ASN A 81 2.25 5.87 0.51
N VAL A 82 2.09 4.74 1.15
CA VAL A 82 3.19 3.73 1.17
C VAL A 82 3.28 3.11 -0.22
N LYS A 83 4.48 3.14 -0.78
CA LYS A 83 4.80 2.52 -2.09
C LYS A 83 5.38 1.12 -1.86
N PHE A 84 6.38 1.02 -0.98
CA PHE A 84 7.06 -0.27 -0.65
C PHE A 84 6.79 -0.61 0.81
N TYR A 85 5.97 -1.64 1.04
CA TYR A 85 5.60 -2.09 2.40
C TYR A 85 6.78 -2.89 2.98
N PRO A 86 7.44 -2.43 4.05
CA PRO A 86 8.59 -3.17 4.58
C PRO A 86 8.18 -4.55 5.05
N PRO A 87 8.84 -5.67 4.67
CA PRO A 87 8.46 -6.98 5.16
C PRO A 87 8.69 -7.11 6.68
N ASP A 88 9.58 -6.31 7.22
CA ASP A 88 9.92 -6.36 8.66
C ASP A 88 9.93 -4.95 9.22
N PRO A 89 8.74 -4.41 9.55
CA PRO A 89 8.64 -3.03 10.05
C PRO A 89 9.47 -2.73 11.30
N ALA A 90 9.77 -3.74 12.12
CA ALA A 90 10.65 -3.61 13.31
C ALA A 90 12.04 -3.13 12.90
N GLN A 91 12.41 -3.26 11.63
CA GLN A 91 13.77 -2.86 11.20
C GLN A 91 13.81 -1.41 10.71
N LEU A 92 12.68 -0.74 10.51
CA LEU A 92 12.74 0.70 10.18
C LEU A 92 13.45 1.41 11.33
N SER A 93 14.16 2.49 11.04
CA SER A 93 14.99 3.16 12.05
C SER A 93 14.14 4.08 12.92
N GLU A 94 12.95 4.54 12.46
CA GLU A 94 12.23 5.60 13.18
C GLU A 94 10.80 5.20 13.48
N ASP A 95 10.34 5.56 14.67
CA ASP A 95 8.95 5.31 15.06
C ASP A 95 8.05 6.11 14.11
N ILE A 96 8.43 7.30 13.66
CA ILE A 96 7.46 8.09 12.85
C ILE A 96 7.20 7.37 11.53
N THR A 97 8.18 6.62 11.02
CA THR A 97 8.03 5.79 9.82
C THR A 97 6.99 4.72 10.07
N ARG A 98 7.05 4.10 11.24
CA ARG A 98 6.13 3.01 11.59
C ARG A 98 4.73 3.61 11.70
N TYR A 99 4.62 4.82 12.27
CA TYR A 99 3.32 5.52 12.47
C TYR A 99 2.64 5.72 11.11
N TYR A 100 3.32 6.26 10.13
CA TYR A 100 2.68 6.50 8.81
C TYR A 100 2.32 5.16 8.17
N LEU A 101 3.20 4.15 8.34
CA LEU A 101 2.89 2.80 7.82
C LEU A 101 1.57 2.30 8.45
N CYS A 102 1.37 2.51 9.76
CA CYS A 102 0.13 2.11 10.44
C CYS A 102 -1.05 2.87 9.78
N LEU A 103 -0.93 4.18 9.57
CA LEU A 103 -2.08 4.98 9.02
C LEU A 103 -2.46 4.37 7.66
N GLN A 104 -1.48 4.07 6.82
CA GLN A 104 -1.73 3.48 5.47
C GLN A 104 -2.47 2.16 5.64
N LEU A 105 -1.98 1.29 6.55
CA LEU A 105 -2.57 -0.04 6.72
C LEU A 105 -4.00 0.09 7.24
N ARG A 106 -4.26 1.04 8.15
CA ARG A 106 -5.65 1.27 8.63
C ARG A 106 -6.55 1.54 7.43
N ASP A 107 -6.09 2.31 6.45
CA ASP A 107 -6.88 2.59 5.22
C ASP A 107 -6.95 1.34 4.33
N ASP A 108 -5.90 0.56 4.25
CA ASP A 108 -5.87 -0.71 3.48
C ASP A 108 -6.96 -1.63 4.04
N ILE A 109 -7.11 -1.63 5.36
CA ILE A 109 -8.08 -2.53 6.04
C ILE A 109 -9.51 -1.99 5.81
N VAL A 110 -9.77 -0.72 6.08
CA VAL A 110 -11.14 -0.14 6.01
C VAL A 110 -11.65 -0.29 4.58
N SER A 111 -10.76 -0.11 3.62
CA SER A 111 -11.07 -0.14 2.18
C SER A 111 -11.34 -1.55 1.69
N GLY A 112 -10.92 -2.60 2.41
CA GLY A 112 -11.03 -3.99 1.97
C GLY A 112 -9.93 -4.42 1.05
N ARG A 113 -8.90 -3.60 0.79
CA ARG A 113 -7.71 -4.01 0.01
C ARG A 113 -6.92 -5.05 0.79
N LEU A 114 -6.97 -4.98 2.14
CA LEU A 114 -6.26 -5.91 3.05
C LEU A 114 -7.27 -6.70 3.86
N PRO A 115 -7.72 -7.87 3.36
CA PRO A 115 -8.68 -8.67 4.08
C PRO A 115 -8.08 -9.17 5.38
N CYS A 116 -8.97 -9.29 6.36
N CYS A 116 -8.91 -9.10 6.43
CA CYS A 116 -8.64 -9.55 7.77
CA CYS A 116 -8.61 -9.57 7.80
C CYS A 116 -9.79 -10.31 8.44
C CYS A 116 -9.76 -10.46 8.28
N SER A 117 -9.46 -11.32 9.25
CA SER A 117 -10.44 -12.07 10.06
C SER A 117 -11.02 -11.12 11.11
N PHE A 118 -12.19 -11.47 11.62
CA PHE A 118 -12.85 -10.78 12.73
C PHE A 118 -11.82 -10.48 13.83
N VAL A 119 -11.16 -11.54 14.31
CA VAL A 119 -10.26 -11.43 15.49
C VAL A 119 -9.08 -10.51 15.18
N THR A 120 -8.49 -10.60 13.99
CA THR A 120 -7.38 -9.70 13.62
C THR A 120 -7.90 -8.25 13.45
N LEU A 121 -9.09 -8.06 12.86
CA LEU A 121 -9.68 -6.69 12.79
C LEU A 121 -9.75 -6.11 14.20
N ALA A 122 -10.27 -6.88 15.15
CA ALA A 122 -10.45 -6.40 16.54
C ALA A 122 -9.09 -6.15 17.20
N LEU A 123 -8.12 -7.03 17.00
CA LEU A 123 -6.78 -6.88 17.62
C LEU A 123 -6.09 -5.62 17.07
N LEU A 124 -6.05 -5.49 15.76
CA LEU A 124 -5.50 -4.27 15.11
C LEU A 124 -6.20 -3.02 15.63
N GLY A 125 -7.54 -3.00 15.66
CA GLY A 125 -8.30 -1.87 16.18
C GLY A 125 -7.88 -1.56 17.62
N SER A 126 -7.70 -2.60 18.44
CA SER A 126 -7.36 -2.45 19.88
C SER A 126 -6.01 -1.74 20.00
N TYR A 127 -5.05 -2.06 19.14
CA TYR A 127 -3.72 -1.39 19.17
C TYR A 127 -3.87 0.07 18.70
N THR A 128 -4.68 0.31 17.68
CA THR A 128 -4.94 1.70 17.20
C THR A 128 -5.51 2.52 18.36
N VAL A 129 -6.50 1.98 19.05
CA VAL A 129 -7.13 2.73 20.17
C VAL A 129 -6.07 2.99 21.25
N GLN A 130 -5.27 1.99 21.62
CA GLN A 130 -4.25 2.16 22.69
C GLN A 130 -3.30 3.29 22.28
N SER A 131 -2.82 3.27 21.04
N SER A 131 -2.88 3.32 21.02
CA SER A 131 -1.93 4.30 20.47
CA SER A 131 -1.91 4.29 20.45
C SER A 131 -2.61 5.68 20.54
C SER A 131 -2.55 5.68 20.26
N GLU A 132 -3.87 5.76 20.08
CA GLU A 132 -4.59 7.05 19.88
C GLU A 132 -5.09 7.60 21.22
N LEU A 133 -5.69 6.76 22.07
CA LEU A 133 -6.35 7.26 23.32
C LEU A 133 -5.57 6.84 24.54
N GLY A 134 -4.57 5.95 24.43
CA GLY A 134 -3.91 5.48 25.66
C GLY A 134 -4.75 4.41 26.35
N ASP A 135 -4.57 4.26 27.66
CA ASP A 135 -5.14 3.17 28.48
C ASP A 135 -6.66 3.19 28.46
N TYR A 136 -7.27 2.01 28.46
CA TYR A 136 -8.72 1.82 28.52
C TYR A 136 -9.28 2.59 29.75
N ASP A 137 -10.38 3.27 29.51
CA ASP A 137 -11.15 4.04 30.53
C ASP A 137 -12.63 3.69 30.40
N PRO A 138 -13.26 3.05 31.41
CA PRO A 138 -14.69 2.76 31.35
C PRO A 138 -15.59 3.99 31.11
N ASP A 139 -15.17 5.15 31.61
CA ASP A 139 -15.92 6.44 31.60
C ASP A 139 -16.37 6.77 30.17
N GLU A 140 -15.45 6.73 29.21
CA GLU A 140 -15.74 6.97 27.78
C GLU A 140 -15.83 5.62 27.05
N CYS A 141 -16.63 4.72 27.60
CA CYS A 141 -17.00 3.41 26.99
C CYS A 141 -18.10 2.74 27.80
N GLY A 142 -19.37 2.99 27.43
CA GLY A 142 -20.54 2.28 27.97
C GLY A 142 -20.74 0.96 27.25
N SER A 143 -21.73 0.18 27.67
CA SER A 143 -22.10 -1.12 27.02
C SER A 143 -22.56 -0.84 25.60
N ASP A 144 -22.85 0.42 25.27
CA ASP A 144 -23.37 0.85 23.95
C ASP A 144 -22.30 1.63 23.18
N TYR A 145 -21.03 1.53 23.57
CA TYR A 145 -19.93 2.32 22.94
C TYR A 145 -19.69 1.92 21.46
N ILE A 146 -19.56 2.93 20.61
CA ILE A 146 -19.04 2.83 19.21
C ILE A 146 -17.92 3.88 19.01
N SER A 147 -16.71 3.42 18.69
CA SER A 147 -15.49 4.25 18.50
C SER A 147 -15.64 5.10 17.24
N GLU A 148 -15.03 6.28 17.22
CA GLU A 148 -14.98 7.13 16.01
C GLU A 148 -14.04 6.45 15.01
N PHE A 149 -13.18 5.54 15.47
CA PHE A 149 -12.11 4.96 14.63
C PHE A 149 -12.83 3.96 13.73
N ARG A 150 -12.45 4.05 12.48
CA ARG A 150 -12.84 3.09 11.43
C ARG A 150 -11.85 1.92 11.53
N PHE A 151 -12.37 0.74 11.75
CA PHE A 151 -11.60 -0.50 11.97
C PHE A 151 -11.72 -1.45 10.81
N ALA A 152 -12.78 -1.41 10.00
CA ALA A 152 -13.08 -2.52 9.11
C ALA A 152 -13.97 -2.04 7.98
N PRO A 153 -14.06 -2.81 6.91
CA PRO A 153 -14.90 -2.43 5.77
C PRO A 153 -16.38 -2.44 6.18
N ASN A 154 -16.75 -3.27 7.14
CA ASN A 154 -18.13 -3.32 7.68
C ASN A 154 -18.07 -3.45 9.20
N HIS A 155 -18.57 -2.45 9.87
CA HIS A 155 -18.59 -2.40 11.34
C HIS A 155 -19.82 -3.12 11.92
N THR A 156 -19.62 -3.82 13.02
CA THR A 156 -20.72 -4.47 13.78
C THR A 156 -20.54 -4.11 15.24
N LYS A 157 -21.62 -4.24 16.01
CA LYS A 157 -21.50 -4.03 17.46
C LYS A 157 -20.55 -5.08 18.06
N GLU A 158 -20.64 -6.33 17.59
CA GLU A 158 -19.72 -7.44 17.93
C GLU A 158 -18.27 -6.95 17.88
N LEU A 159 -17.88 -6.41 16.73
CA LEU A 159 -16.48 -5.98 16.50
C LEU A 159 -16.12 -4.89 17.49
N GLU A 160 -17.00 -3.92 17.71
CA GLU A 160 -16.71 -2.79 18.66
C GLU A 160 -16.43 -3.37 20.03
N ASP A 161 -17.23 -4.35 20.42
CA ASP A 161 -17.07 -4.95 21.77
C ASP A 161 -15.73 -5.68 21.89
N LYS A 162 -15.31 -6.34 20.81
CA LYS A 162 -14.08 -7.14 20.87
C LYS A 162 -12.89 -6.20 20.93
N VAL A 163 -12.93 -5.10 20.17
CA VAL A 163 -11.90 -4.03 20.26
C VAL A 163 -11.76 -3.58 21.71
N ILE A 164 -12.86 -3.34 22.38
CA ILE A 164 -12.81 -2.84 23.79
C ILE A 164 -12.19 -3.92 24.69
N GLU A 165 -12.67 -5.16 24.57
CA GLU A 165 -12.17 -6.28 25.40
C GLU A 165 -10.66 -6.39 25.25
N LEU A 166 -10.14 -6.31 24.01
CA LEU A 166 -8.67 -6.43 23.77
C LEU A 166 -7.97 -5.15 24.24
N HIS A 167 -8.61 -4.00 24.11
CA HIS A 167 -8.00 -2.73 24.55
C HIS A 167 -7.66 -2.80 26.05
N LYS A 168 -8.58 -3.36 26.80
CA LYS A 168 -8.41 -3.49 28.25
C LYS A 168 -7.09 -4.19 28.56
N SER A 169 -6.64 -5.14 27.73
CA SER A 169 -5.45 -5.97 28.02
C SER A 169 -4.17 -5.17 27.76
N HIS A 170 -4.22 -4.00 27.12
CA HIS A 170 -2.98 -3.29 26.69
C HIS A 170 -2.59 -2.19 27.69
N ARG A 171 -3.10 -2.24 28.92
CA ARG A 171 -2.82 -1.13 29.87
C ARG A 171 -1.30 -0.92 30.01
N GLY A 172 -0.83 0.34 29.89
CA GLY A 172 0.56 0.78 30.08
C GLY A 172 1.35 0.79 28.78
N MET A 173 0.73 0.40 27.68
CA MET A 173 1.40 0.36 26.36
C MET A 173 1.50 1.77 25.81
N THR A 174 2.69 2.16 25.34
CA THR A 174 2.92 3.49 24.73
C THR A 174 2.48 3.44 23.26
N PRO A 175 2.29 4.62 22.61
CA PRO A 175 1.89 4.62 21.20
C PRO A 175 2.85 3.85 20.29
N ALA A 176 4.16 4.02 20.49
CA ALA A 176 5.19 3.35 19.68
C ALA A 176 5.10 1.85 19.85
N GLU A 177 4.86 1.38 21.08
CA GLU A 177 4.71 -0.06 21.40
C GLU A 177 3.44 -0.62 20.72
N ALA A 178 2.32 0.10 20.84
CA ALA A 178 1.02 -0.34 20.27
C ALA A 178 1.17 -0.41 18.73
N GLU A 179 1.84 0.59 18.15
CA GLU A 179 2.09 0.69 16.69
C GLU A 179 2.95 -0.50 16.27
N MET A 180 3.96 -0.86 17.06
CA MET A 180 4.84 -1.99 16.70
C MET A 180 4.03 -3.28 16.75
N HIS A 181 3.16 -3.48 17.75
CA HIS A 181 2.30 -4.69 17.80
C HIS A 181 1.31 -4.71 16.61
N PHE A 182 0.76 -3.56 16.27
CA PHE A 182 -0.15 -3.46 15.12
C PHE A 182 0.60 -4.03 13.90
N LEU A 183 1.82 -3.55 13.68
CA LEU A 183 2.62 -3.96 12.51
C LEU A 183 3.00 -5.44 12.54
N GLU A 184 3.39 -5.97 13.68
CA GLU A 184 3.80 -7.39 13.83
C GLU A 184 2.64 -8.31 13.42
N ASN A 185 1.41 -7.90 13.69
CA ASN A 185 0.19 -8.65 13.28
C ASN A 185 -0.13 -8.37 11.80
N ALA A 186 -0.19 -7.11 11.41
CA ALA A 186 -0.60 -6.79 10.02
C ALA A 186 0.35 -7.42 8.98
N LYS A 187 1.65 -7.45 9.28
CA LYS A 187 2.69 -7.88 8.31
C LYS A 187 2.45 -9.34 7.95
N LYS A 188 1.71 -10.11 8.74
CA LYS A 188 1.54 -11.57 8.48
C LYS A 188 0.32 -11.86 7.61
N LEU A 189 -0.49 -10.85 7.31
CA LEU A 189 -1.74 -11.08 6.57
C LEU A 189 -1.36 -11.43 5.13
N SER A 190 -2.09 -12.34 4.53
CA SER A 190 -1.70 -12.88 3.21
C SER A 190 -1.67 -11.75 2.15
N MET A 191 -2.43 -10.67 2.30
CA MET A 191 -2.44 -9.59 1.28
C MET A 191 -1.62 -8.38 1.73
N TYR A 192 -0.83 -8.48 2.79
CA TYR A 192 0.04 -7.35 3.19
C TYR A 192 0.99 -6.95 2.06
N GLY A 193 0.94 -5.68 1.67
CA GLY A 193 1.86 -5.06 0.71
C GLY A 193 1.67 -5.61 -0.70
N VAL A 194 0.53 -6.28 -0.95
CA VAL A 194 0.22 -6.83 -2.32
C VAL A 194 -0.60 -5.82 -3.10
N ASP A 195 -0.04 -5.38 -4.24
CA ASP A 195 -0.70 -4.44 -5.18
C ASP A 195 -1.38 -5.30 -6.25
N LEU A 196 -2.71 -5.31 -6.32
CA LEU A 196 -3.47 -6.20 -7.25
C LEU A 196 -3.80 -5.50 -8.57
N HIS A 197 -3.66 -6.24 -9.66
CA HIS A 197 -4.01 -5.75 -11.03
C HIS A 197 -4.93 -6.76 -11.69
N HIS A 198 -6.07 -6.32 -12.21
CA HIS A 198 -7.00 -7.12 -13.05
C HIS A 198 -6.31 -7.48 -14.38
N ALA A 199 -6.44 -8.72 -14.79
CA ALA A 199 -5.86 -9.24 -16.04
C ALA A 199 -6.64 -10.48 -16.47
N LYS A 200 -6.40 -10.89 -17.72
CA LYS A 200 -6.86 -12.19 -18.28
C LYS A 200 -5.64 -13.02 -18.62
N ASP A 201 -5.75 -14.35 -18.44
CA ASP A 201 -4.66 -15.28 -18.76
C ASP A 201 -4.74 -15.52 -20.26
N SER A 202 -3.83 -16.32 -20.81
CA SER A 202 -3.69 -16.58 -22.27
C SER A 202 -4.97 -17.23 -22.83
N GLU A 203 -5.81 -17.82 -21.98
CA GLU A 203 -7.09 -18.42 -22.43
C GLU A 203 -8.25 -17.45 -22.16
N GLY A 204 -7.97 -16.20 -21.78
CA GLY A 204 -8.99 -15.16 -21.61
C GLY A 204 -9.75 -15.27 -20.30
N VAL A 205 -9.25 -16.08 -19.36
CA VAL A 205 -9.89 -16.28 -18.01
C VAL A 205 -9.39 -15.16 -17.08
N GLU A 206 -10.31 -14.46 -16.44
CA GLU A 206 -10.05 -13.29 -15.56
C GLU A 206 -9.27 -13.76 -14.34
N ILE A 207 -8.14 -13.10 -14.11
CA ILE A 207 -7.24 -13.44 -12.98
C ILE A 207 -6.89 -12.11 -12.30
N MET A 208 -6.16 -12.22 -11.20
CA MET A 208 -5.57 -11.02 -10.57
C MET A 208 -4.07 -11.28 -10.48
N LEU A 209 -3.25 -10.29 -10.79
CA LEU A 209 -1.79 -10.37 -10.61
C LEU A 209 -1.42 -9.53 -9.37
N GLY A 210 -0.72 -10.11 -8.41
CA GLY A 210 -0.34 -9.35 -7.21
C GLY A 210 1.14 -9.07 -7.32
N VAL A 211 1.55 -7.87 -6.96
CA VAL A 211 2.99 -7.55 -6.95
C VAL A 211 3.33 -7.24 -5.48
N CYS A 212 4.42 -7.75 -5.00
CA CYS A 212 4.82 -7.49 -3.59
C CYS A 212 6.32 -7.70 -3.48
N ALA A 213 6.85 -7.52 -2.28
CA ALA A 213 8.30 -7.66 -2.01
C ALA A 213 8.85 -9.03 -2.44
N SER A 214 8.10 -10.10 -2.22
CA SER A 214 8.67 -11.46 -2.36
C SER A 214 8.55 -11.89 -3.82
N GLY A 215 7.56 -11.37 -4.53
CA GLY A 215 7.47 -11.76 -5.95
C GLY A 215 6.16 -11.39 -6.59
N LEU A 216 5.78 -12.22 -7.55
CA LEU A 216 4.53 -12.12 -8.34
C LEU A 216 3.58 -13.22 -7.87
N LEU A 217 2.30 -12.87 -7.77
CA LEU A 217 1.22 -13.83 -7.47
C LEU A 217 0.23 -13.79 -8.64
N ILE A 218 -0.23 -14.96 -9.06
CA ILE A 218 -1.35 -15.10 -10.02
C ILE A 218 -2.49 -15.78 -9.27
N TYR A 219 -3.55 -15.01 -8.98
CA TYR A 219 -4.77 -15.50 -8.31
C TYR A 219 -5.76 -15.93 -9.40
N ARG A 220 -5.69 -17.20 -9.80
CA ARG A 220 -6.61 -17.80 -10.83
C ARG A 220 -7.97 -17.98 -10.15
N ASP A 221 -7.96 -18.49 -8.92
CA ASP A 221 -9.03 -18.35 -7.89
C ASP A 221 -8.50 -18.99 -6.60
N ARG A 222 -9.37 -19.21 -5.60
CA ARG A 222 -8.99 -19.71 -4.26
C ARG A 222 -8.24 -21.04 -4.42
N LEU A 223 -8.66 -21.87 -5.38
CA LEU A 223 -7.99 -23.13 -5.78
C LEU A 223 -7.04 -22.83 -6.95
N ARG A 224 -5.73 -22.79 -6.65
CA ARG A 224 -4.61 -22.56 -7.61
C ARG A 224 -4.24 -21.07 -7.61
N ILE A 225 -3.45 -20.67 -6.61
CA ILE A 225 -2.63 -19.41 -6.59
C ILE A 225 -1.21 -19.78 -6.99
N ASN A 226 -0.75 -19.30 -8.15
CA ASN A 226 0.65 -19.48 -8.63
C ASN A 226 1.49 -18.33 -8.07
N ARG A 227 2.67 -18.64 -7.55
CA ARG A 227 3.58 -17.67 -6.89
C ARG A 227 4.97 -17.80 -7.53
N PHE A 228 5.57 -16.68 -7.90
CA PHE A 228 6.90 -16.66 -8.54
C PHE A 228 7.77 -15.74 -7.68
N ALA A 229 8.54 -16.30 -6.76
CA ALA A 229 9.61 -15.56 -6.06
C ALA A 229 10.36 -14.76 -7.12
N TRP A 230 10.88 -13.59 -6.80
CA TRP A 230 11.68 -12.79 -7.75
C TRP A 230 12.83 -13.61 -8.37
N PRO A 231 13.54 -14.51 -7.63
CA PRO A 231 14.60 -15.32 -8.23
C PRO A 231 14.15 -16.14 -9.45
N LYS A 232 12.90 -16.59 -9.43
CA LYS A 232 12.27 -17.43 -10.48
C LYS A 232 11.93 -16.62 -11.73
N VAL A 233 11.75 -15.31 -11.62
CA VAL A 233 11.39 -14.43 -12.77
C VAL A 233 12.68 -14.03 -13.49
N LEU A 234 12.85 -14.42 -14.75
CA LEU A 234 14.05 -14.08 -15.55
C LEU A 234 13.90 -12.64 -16.06
N LYS A 235 12.75 -12.32 -16.61
CA LYS A 235 12.48 -11.04 -17.33
C LYS A 235 10.97 -10.79 -17.35
N ILE A 236 10.60 -9.52 -17.49
CA ILE A 236 9.20 -9.03 -17.71
C ILE A 236 9.20 -8.19 -18.99
N SER A 237 8.07 -8.11 -19.69
CA SER A 237 7.91 -7.23 -20.87
C SER A 237 6.43 -6.82 -21.01
N TYR A 238 6.20 -5.69 -21.66
CA TYR A 238 4.84 -5.29 -22.10
C TYR A 238 4.91 -4.96 -23.60
N LYS A 239 3.80 -5.22 -24.28
CA LYS A 239 3.64 -4.85 -25.70
C LYS A 239 2.14 -4.70 -25.91
N ARG A 240 1.70 -3.54 -26.40
CA ARG A 240 0.27 -3.21 -26.59
C ARG A 240 -0.43 -3.41 -25.24
N ASN A 241 -1.47 -4.25 -25.16
CA ASN A 241 -2.23 -4.52 -23.91
C ASN A 241 -1.71 -5.77 -23.22
N ASN A 242 -0.56 -6.26 -23.66
CA ASN A 242 -0.01 -7.53 -23.17
C ASN A 242 1.17 -7.31 -22.22
N PHE A 243 1.14 -8.11 -21.16
CA PHE A 243 2.19 -8.19 -20.12
C PHE A 243 2.66 -9.65 -20.12
N TYR A 244 3.97 -9.86 -20.31
CA TYR A 244 4.57 -11.21 -20.40
C TYR A 244 5.59 -11.36 -19.27
N ILE A 245 5.63 -12.55 -18.67
CA ILE A 245 6.64 -12.90 -17.62
C ILE A 245 7.40 -14.14 -18.10
N LYS A 246 8.73 -14.04 -18.08
CA LYS A 246 9.65 -15.16 -18.43
C LYS A 246 10.08 -15.80 -17.11
N ILE A 247 9.88 -17.11 -16.99
CA ILE A 247 10.14 -17.88 -15.74
C ILE A 247 11.35 -18.79 -15.99
N ARG A 248 12.31 -18.77 -15.07
CA ARG A 248 13.55 -19.57 -15.20
C ARG A 248 13.15 -21.04 -15.31
N PRO A 249 13.92 -21.86 -16.07
CA PRO A 249 13.67 -23.31 -16.08
C PRO A 249 14.14 -23.87 -14.72
N GLY A 250 13.55 -24.96 -14.24
CA GLY A 250 14.19 -25.79 -13.21
C GLY A 250 15.58 -26.24 -13.68
N GLU A 251 16.50 -26.53 -12.77
CA GLU A 251 17.86 -27.04 -13.13
C GLU A 251 17.71 -28.13 -14.19
N PHE A 252 18.49 -28.05 -15.28
CA PHE A 252 18.62 -29.09 -16.33
C PHE A 252 17.38 -29.16 -17.25
N GLU A 253 16.64 -28.06 -17.49
CA GLU A 253 15.40 -28.08 -18.31
C GLU A 253 15.56 -27.34 -19.67
N GLN A 254 16.64 -26.59 -19.85
CA GLN A 254 17.09 -25.98 -21.14
C GLN A 254 16.39 -24.62 -21.37
N PHE A 255 15.05 -24.52 -21.35
CA PHE A 255 14.34 -23.29 -21.79
C PHE A 255 13.34 -22.74 -20.76
N GLU A 256 13.47 -21.46 -20.46
CA GLU A 256 12.48 -20.66 -19.68
C GLU A 256 11.08 -20.84 -20.27
N SER A 257 10.04 -20.67 -19.46
CA SER A 257 8.64 -20.62 -19.92
C SER A 257 8.19 -19.16 -19.99
N THR A 258 7.27 -18.85 -20.87
CA THR A 258 6.64 -17.51 -20.95
C THR A 258 5.18 -17.65 -20.52
N ILE A 259 4.77 -16.83 -19.57
CA ILE A 259 3.33 -16.60 -19.25
C ILE A 259 3.00 -15.19 -19.73
N GLY A 260 1.97 -15.13 -20.58
CA GLY A 260 1.34 -13.90 -21.09
C GLY A 260 0.05 -13.60 -20.41
N PHE A 261 -0.23 -12.31 -20.24
CA PHE A 261 -1.48 -11.79 -19.67
C PHE A 261 -2.00 -10.67 -20.56
N LYS A 262 -3.31 -10.59 -20.65
CA LYS A 262 -4.03 -9.48 -21.28
C LYS A 262 -4.48 -8.50 -20.22
N LEU A 263 -4.06 -7.26 -20.35
CA LEU A 263 -4.51 -6.15 -19.47
C LEU A 263 -5.60 -5.39 -20.19
N PRO A 264 -6.42 -4.62 -19.45
CA PRO A 264 -7.50 -3.81 -20.02
C PRO A 264 -7.09 -2.93 -21.21
N ASN A 265 -5.93 -2.29 -21.11
CA ASN A 265 -5.45 -1.33 -22.12
C ASN A 265 -3.95 -1.20 -21.98
N HIS A 266 -3.37 -0.47 -22.90
CA HIS A 266 -1.90 -0.27 -22.97
C HIS A 266 -1.41 0.37 -21.68
N ARG A 267 -2.12 1.40 -21.20
CA ARG A 267 -1.69 2.14 -19.98
C ARG A 267 -1.69 1.19 -18.79
N ALA A 268 -2.71 0.33 -18.63
CA ALA A 268 -2.75 -0.66 -17.52
C ALA A 268 -1.55 -1.63 -17.64
N ALA A 269 -1.13 -1.98 -18.87
CA ALA A 269 0.02 -2.89 -19.04
C ALA A 269 1.28 -2.18 -18.60
N LYS A 270 1.47 -0.92 -19.01
CA LYS A 270 2.71 -0.17 -18.71
C LYS A 270 2.79 0.04 -17.18
N ARG A 271 1.67 0.32 -16.54
CA ARG A 271 1.59 0.58 -15.09
C ARG A 271 2.02 -0.68 -14.32
N LEU A 272 1.50 -1.83 -14.72
CA LEU A 272 1.88 -3.11 -14.10
C LEU A 272 3.39 -3.31 -14.28
N TRP A 273 3.90 -3.14 -15.50
CA TRP A 273 5.34 -3.29 -15.80
C TRP A 273 6.16 -2.44 -14.83
N LYS A 274 5.78 -1.19 -14.68
CA LYS A 274 6.61 -0.21 -13.92
C LYS A 274 6.60 -0.60 -12.44
N VAL A 275 5.46 -0.97 -11.90
CA VAL A 275 5.35 -1.38 -10.47
C VAL A 275 6.13 -2.68 -10.25
N CYS A 276 6.15 -3.61 -11.21
CA CYS A 276 6.97 -4.83 -11.11
C CYS A 276 8.47 -4.46 -11.07
N VAL A 277 8.92 -3.63 -12.02
CA VAL A 277 10.34 -3.21 -12.07
C VAL A 277 10.71 -2.58 -10.73
N GLU A 278 9.85 -1.72 -10.20
CA GLU A 278 10.16 -0.96 -8.96
C GLU A 278 10.24 -1.93 -7.79
N HIS A 279 9.27 -2.87 -7.66
CA HIS A 279 9.31 -3.88 -6.59
C HIS A 279 10.49 -4.81 -6.75
N HIS A 280 10.85 -5.20 -7.98
CA HIS A 280 12.02 -6.09 -8.18
C HIS A 280 13.34 -5.41 -7.71
N THR A 281 13.51 -4.12 -7.98
CA THR A 281 14.69 -3.38 -7.49
C THR A 281 14.66 -3.40 -5.95
N PHE A 282 13.49 -3.15 -5.37
CA PHE A 282 13.27 -3.24 -3.91
C PHE A 282 13.77 -4.59 -3.40
N PHE A 283 13.26 -5.70 -3.96
CA PHE A 283 13.66 -7.09 -3.60
C PHE A 283 15.19 -7.22 -3.66
N ARG A 284 15.76 -6.80 -4.79
CA ARG A 284 17.23 -6.86 -5.04
C ARG A 284 18.01 -6.19 -3.90
N LEU A 285 17.52 -5.08 -3.31
CA LEU A 285 18.39 -4.29 -2.41
C LEU A 285 18.15 -4.50 -0.92
N LEU A 286 17.18 -5.35 -0.56
CA LEU A 286 17.00 -5.88 0.81
C LEU A 286 18.14 -6.86 1.13
#